data_5SWV
#
_entry.id   5SWV
#
_cell.length_a   121.797
_cell.length_b   121.797
_cell.length_c   191.851
_cell.angle_alpha   90.00
_cell.angle_beta   90.00
_cell.angle_gamma   120.00
#
_symmetry.space_group_name_H-M   'P 61 2 2'
#
loop_
_entity.id
_entity.type
_entity.pdbx_description
1 polymer 'Pentafunctional AROM polypeptide'
2 non-polymer 'TRIETHYLENE GLYCOL'
3 water water
#
_entity_poly.entity_id   1
_entity_poly.type   'polypeptide(L)'
_entity_poly.pdbx_seq_one_letter_code
;QVLQKFKTKKRSTFLTLNYPRIEDALPTLRDVTVGCDAIEVRVDYLKDPKSSNGISSLDFVAEQISLLRCSTTLPIIFTI
RTISQGGLFPNDKEEEAKELMLSAMRYGCDFVDVELGWSSETINILYQHKGYTKLIMSWHDLSGTWSWARPHEWMQKVEL
ASSYADVIKLVGMANNLNDNLELEEFRTRITNSMDIPLILFNMGRFGQLSRILNKFMTPVTHPLLPSKAAPGQLTVKQLN
EARVLIGEILPEKFFLFGKPIKHSRSPILHSTAYELLGLPHTYEAFETDTVDEVQKVLNLPDFGGANVTIPYKLSVMKFM
DELSDEARFFGAVNTIIPIRIGDKLVLRGDNTDWRGIYDTFANALDGVSLRDTNGLVIGAGGTSRAAIYSLHRLGVSRIY
LLNRTLANSYRVQDVFPPDYNIHIIDSDNIPSEELSSVTLSAVVSTIPADIELPEKVASVIKALLANKADGGVFLDMAYK
PLHTPLMAVASDLEWKCCNGLEALVRQGLASFHLWTGMTAPFDAVYQKVIE
;
_entity_poly.pdbx_strand_id   C
#
loop_
_chem_comp.id
_chem_comp.type
_chem_comp.name
_chem_comp.formula
PGE non-polymer 'TRIETHYLENE GLYCOL' 'C6 H14 O4'
#
# COMPACT_ATOMS: atom_id res chain seq x y z
N VAL A 2 -7.61 10.75 3.99
CA VAL A 2 -7.81 9.28 3.76
C VAL A 2 -8.94 9.04 2.75
N LEU A 3 -10.10 9.66 2.98
CA LEU A 3 -11.19 9.72 1.99
C LEU A 3 -10.84 10.67 0.84
N GLN A 4 -10.18 11.78 1.18
CA GLN A 4 -9.72 12.78 0.20
C GLN A 4 -8.74 12.15 -0.79
N LYS A 5 -7.87 11.29 -0.28
CA LYS A 5 -6.98 10.45 -1.08
C LYS A 5 -7.76 9.63 -2.12
N PHE A 6 -8.78 8.92 -1.64
CA PHE A 6 -9.62 8.05 -2.47
C PHE A 6 -10.45 8.85 -3.51
N LYS A 7 -10.87 10.05 -3.13
CA LYS A 7 -11.72 10.90 -3.97
C LYS A 7 -10.99 11.47 -5.18
N THR A 8 -9.75 11.93 -4.97
CA THR A 8 -8.94 12.47 -6.06
C THR A 8 -8.28 11.38 -6.88
N LYS A 9 -8.12 10.18 -6.31
CA LYS A 9 -7.71 8.98 -7.08
C LYS A 9 -8.77 8.66 -8.16
N LYS A 10 -8.31 8.17 -9.31
CA LYS A 10 -9.21 7.83 -10.40
C LYS A 10 -10.07 6.62 -10.06
N ARG A 11 -9.43 5.54 -9.61
CA ARG A 11 -10.10 4.27 -9.29
C ARG A 11 -9.63 3.71 -7.98
N SER A 12 -10.55 3.45 -7.06
CA SER A 12 -10.23 2.77 -5.81
C SER A 12 -11.01 1.47 -5.70
N THR A 13 -10.45 0.53 -4.94
CA THR A 13 -11.08 -0.75 -4.66
C THR A 13 -10.84 -1.12 -3.22
N PHE A 14 -11.65 -2.02 -2.67
CA PHE A 14 -11.39 -2.54 -1.35
C PHE A 14 -11.78 -4.02 -1.23
N LEU A 15 -10.99 -4.74 -0.44
CA LEU A 15 -11.15 -6.17 -0.23
C LEU A 15 -12.26 -6.45 0.77
N THR A 16 -13.13 -7.39 0.43
CA THR A 16 -14.18 -7.85 1.35
C THR A 16 -13.65 -9.04 2.16
N LEU A 17 -12.96 -8.73 3.26
CA LEU A 17 -12.31 -9.77 4.08
C LEU A 17 -13.34 -10.49 4.94
N ASN A 18 -13.57 -11.75 4.64
CA ASN A 18 -14.68 -12.49 5.22
C ASN A 18 -14.27 -13.87 5.70
N TYR A 19 -13.05 -13.96 6.23
CA TYR A 19 -12.65 -15.13 6.99
C TYR A 19 -13.42 -15.13 8.30
N PRO A 20 -13.59 -16.31 8.92
CA PRO A 20 -14.12 -16.35 10.28
C PRO A 20 -13.17 -15.83 11.35
N ARG A 21 -11.86 -15.84 11.07
CA ARG A 21 -10.83 -15.36 12.01
C ARG A 21 -9.72 -14.61 11.28
N ILE A 22 -9.23 -13.50 11.85
CA ILE A 22 -8.15 -12.75 11.23
C ILE A 22 -6.84 -13.59 11.19
N GLU A 23 -6.68 -14.49 12.18
CA GLU A 23 -5.54 -15.43 12.19
C GLU A 23 -5.45 -16.22 10.89
N ASP A 24 -6.62 -16.59 10.33
CA ASP A 24 -6.71 -17.34 9.07
C ASP A 24 -6.24 -16.51 7.88
N ALA A 25 -6.37 -15.19 7.97
CA ALA A 25 -5.96 -14.30 6.91
C ALA A 25 -4.46 -14.04 6.88
N LEU A 26 -3.81 -14.10 8.05
CA LEU A 26 -2.45 -13.56 8.20
C LEU A 26 -1.39 -14.19 7.31
N PRO A 27 -1.30 -15.52 7.24
CA PRO A 27 -0.24 -16.07 6.39
C PRO A 27 -0.17 -15.45 4.98
N THR A 28 -1.29 -15.42 4.27
CA THR A 28 -1.38 -14.94 2.88
C THR A 28 -1.86 -13.49 2.71
N LEU A 29 -1.96 -12.73 3.80
CA LEU A 29 -2.52 -11.36 3.80
C LEU A 29 -1.86 -10.42 2.81
N ARG A 30 -0.56 -10.59 2.61
CA ARG A 30 0.18 -9.76 1.67
C ARG A 30 -0.19 -10.04 0.22
N ASP A 31 -0.59 -11.27 -0.08
CA ASP A 31 -1.07 -11.65 -1.41
C ASP A 31 -2.53 -11.24 -1.66
N VAL A 32 -3.40 -11.41 -0.65
CA VAL A 32 -4.84 -11.14 -0.85
C VAL A 32 -5.21 -9.66 -0.87
N THR A 33 -4.31 -8.79 -0.41
CA THR A 33 -4.59 -7.35 -0.39
C THR A 33 -4.06 -6.59 -1.61
N VAL A 34 -3.25 -7.27 -2.42
CA VAL A 34 -2.80 -6.77 -3.72
C VAL A 34 -3.89 -5.98 -4.44
N GLY A 35 -3.55 -4.76 -4.86
CA GLY A 35 -4.42 -3.90 -5.66
C GLY A 35 -5.52 -3.17 -4.92
N CYS A 36 -5.58 -3.34 -3.60
CA CYS A 36 -6.65 -2.77 -2.78
C CYS A 36 -6.18 -1.53 -2.06
N ASP A 37 -7.08 -0.56 -1.95
CA ASP A 37 -6.80 0.68 -1.22
C ASP A 37 -7.27 0.60 0.24
N ALA A 38 -8.05 -0.44 0.57
CA ALA A 38 -8.62 -0.62 1.90
C ALA A 38 -9.12 -2.05 2.10
N ILE A 39 -9.45 -2.38 3.35
CA ILE A 39 -9.94 -3.71 3.72
C ILE A 39 -11.23 -3.55 4.50
N GLU A 40 -12.29 -4.16 3.99
CA GLU A 40 -13.51 -4.31 4.74
C GLU A 40 -13.41 -5.56 5.57
N VAL A 41 -13.55 -5.41 6.89
CA VAL A 41 -13.71 -6.55 7.75
C VAL A 41 -15.20 -6.75 7.84
N ARG A 42 -15.65 -7.86 7.28
CA ARG A 42 -17.03 -8.26 7.37
C ARG A 42 -17.21 -8.90 8.73
N VAL A 43 -17.69 -8.08 9.65
CA VAL A 43 -17.78 -8.44 11.06
C VAL A 43 -18.87 -9.52 11.23
N ASP A 44 -19.90 -9.45 10.39
CA ASP A 44 -20.93 -10.50 10.37
C ASP A 44 -20.39 -11.91 10.09
N TYR A 45 -19.25 -12.02 9.41
CA TYR A 45 -18.61 -13.31 9.14
C TYR A 45 -17.66 -13.81 10.24
N LEU A 46 -17.18 -12.93 11.13
CA LEU A 46 -16.29 -13.37 12.21
C LEU A 46 -17.01 -14.33 13.18
N LYS A 47 -16.28 -15.31 13.69
CA LYS A 47 -16.84 -16.28 14.65
C LYS A 47 -16.05 -16.30 15.96
N ASP A 48 -16.69 -15.82 17.03
CA ASP A 48 -16.13 -15.77 18.38
C ASP A 48 -16.21 -17.15 19.04
N PRO A 49 -15.06 -17.71 19.48
CA PRO A 49 -15.12 -18.99 20.20
C PRO A 49 -15.93 -18.98 21.51
N LYS A 50 -16.06 -17.83 22.17
CA LYS A 50 -16.90 -17.66 23.37
C LYS A 50 -18.07 -16.77 23.04
N SER A 51 -19.24 -17.35 22.81
CA SER A 51 -20.36 -16.55 22.31
C SER A 51 -21.67 -16.93 22.98
N SER A 52 -22.27 -18.06 22.54
CA SER A 52 -23.52 -18.61 23.11
C SER A 52 -24.84 -17.82 22.93
N ASN A 53 -24.77 -16.54 22.55
CA ASN A 53 -25.92 -15.74 22.09
C ASN A 53 -25.92 -15.47 20.56
N GLY A 54 -24.84 -15.86 19.86
CA GLY A 54 -24.71 -15.74 18.39
C GLY A 54 -23.94 -14.51 17.90
N ILE A 55 -23.56 -13.61 18.80
CA ILE A 55 -22.95 -12.32 18.46
C ILE A 55 -21.51 -12.29 18.93
N SER A 56 -20.62 -11.83 18.07
CA SER A 56 -19.24 -11.59 18.46
C SER A 56 -19.20 -10.55 19.61
N SER A 57 -18.47 -10.85 20.69
CA SER A 57 -18.34 -9.91 21.81
C SER A 57 -17.42 -8.77 21.44
N LEU A 58 -17.58 -7.63 22.12
CA LEU A 58 -16.68 -6.46 21.93
C LEU A 58 -15.20 -6.79 22.08
N ASP A 59 -14.87 -7.55 23.12
CA ASP A 59 -13.48 -7.91 23.36
C ASP A 59 -12.88 -8.67 22.18
N PHE A 60 -13.64 -9.63 21.66
CA PHE A 60 -13.20 -10.44 20.53
C PHE A 60 -13.01 -9.61 19.24
N VAL A 61 -14.06 -8.89 18.87
CA VAL A 61 -14.02 -8.06 17.68
C VAL A 61 -12.85 -7.09 17.75
N ALA A 62 -12.64 -6.49 18.91
CA ALA A 62 -11.52 -5.59 19.11
C ALA A 62 -10.15 -6.29 18.99
N GLU A 63 -10.00 -7.48 19.59
CA GLU A 63 -8.74 -8.25 19.45
C GLU A 63 -8.47 -8.55 17.99
N GLN A 64 -9.52 -8.92 17.26
CA GLN A 64 -9.43 -9.20 15.84
C GLN A 64 -9.00 -7.98 15.03
N ILE A 65 -9.65 -6.84 15.25
CA ILE A 65 -9.33 -5.63 14.51
C ILE A 65 -7.90 -5.17 14.74
N SER A 66 -7.44 -5.23 15.98
CA SER A 66 -6.05 -4.82 16.29
C SER A 66 -5.06 -5.83 15.73
N LEU A 67 -5.37 -7.13 15.81
CA LEU A 67 -4.53 -8.18 15.23
C LEU A 67 -4.27 -7.92 13.74
N LEU A 68 -5.27 -7.41 13.04
CA LEU A 68 -5.15 -7.08 11.63
C LEU A 68 -4.29 -5.81 11.44
N ARG A 69 -4.59 -4.77 12.21
CA ARG A 69 -3.81 -3.53 12.19
C ARG A 69 -2.30 -3.69 12.42
N CYS A 70 -1.90 -4.74 13.13
CA CYS A 70 -0.48 -5.09 13.29
C CYS A 70 0.11 -5.81 12.07
N SER A 71 -0.70 -6.21 11.10
CA SER A 71 -0.21 -6.88 9.90
C SER A 71 -0.37 -6.06 8.64
N THR A 72 -1.04 -4.90 8.71
CA THR A 72 -1.21 -4.04 7.54
C THR A 72 -1.50 -2.60 7.92
N THR A 73 -1.04 -1.71 7.04
CA THR A 73 -1.24 -0.28 7.16
C THR A 73 -2.48 0.22 6.43
N LEU A 74 -3.17 -0.68 5.73
CA LEU A 74 -4.32 -0.31 4.92
C LEU A 74 -5.47 0.19 5.78
N PRO A 75 -6.13 1.28 5.36
CA PRO A 75 -7.35 1.71 6.03
C PRO A 75 -8.38 0.59 6.13
N ILE A 76 -9.18 0.62 7.19
CA ILE A 76 -10.12 -0.45 7.47
C ILE A 76 -11.55 0.05 7.44
N ILE A 77 -12.41 -0.76 6.85
CA ILE A 77 -13.82 -0.51 6.82
C ILE A 77 -14.41 -1.58 7.72
N PHE A 78 -15.26 -1.16 8.64
CA PHE A 78 -15.86 -2.03 9.65
C PHE A 78 -17.32 -2.21 9.27
N THR A 79 -17.66 -3.40 8.78
CA THR A 79 -18.97 -3.63 8.17
C THR A 79 -19.71 -4.75 8.84
N ILE A 80 -20.81 -4.37 9.47
CA ILE A 80 -21.81 -5.33 9.94
C ILE A 80 -22.95 -5.31 8.95
N ARG A 81 -23.03 -6.39 8.18
CA ARG A 81 -24.03 -6.58 7.12
C ARG A 81 -25.04 -7.59 7.63
N THR A 82 -26.32 -7.20 7.58
CA THR A 82 -27.43 -7.98 8.14
C THR A 82 -28.02 -8.94 7.13
N ILE A 83 -28.90 -9.81 7.60
CA ILE A 83 -29.47 -10.86 6.77
C ILE A 83 -30.28 -10.36 5.59
N SER A 84 -31.07 -9.32 5.79
CA SER A 84 -31.95 -8.88 4.71
C SER A 84 -31.23 -7.96 3.77
N GLN A 85 -30.01 -7.55 4.13
CA GLN A 85 -29.12 -6.87 3.20
C GLN A 85 -28.07 -7.79 2.56
N GLY A 86 -28.19 -9.10 2.75
CA GLY A 86 -27.28 -10.09 2.16
C GLY A 86 -26.15 -10.63 3.03
N GLY A 87 -26.08 -10.18 4.28
CA GLY A 87 -25.09 -10.68 5.23
C GLY A 87 -25.68 -11.67 6.20
N LEU A 88 -25.02 -11.85 7.33
CA LEU A 88 -25.34 -12.89 8.31
C LEU A 88 -25.82 -12.36 9.65
N PHE A 89 -25.79 -11.06 9.86
CA PHE A 89 -26.06 -10.49 11.16
C PHE A 89 -27.56 -10.38 11.29
N PRO A 90 -28.11 -10.78 12.45
CA PRO A 90 -29.55 -10.67 12.66
C PRO A 90 -30.06 -9.22 12.62
N ASN A 91 -31.17 -9.00 11.93
CA ASN A 91 -31.77 -7.67 11.86
C ASN A 91 -32.39 -7.20 13.16
N ASP A 92 -32.82 -8.13 14.02
CA ASP A 92 -33.53 -7.72 15.23
C ASP A 92 -32.59 -7.15 16.30
N LYS A 93 -31.27 -7.33 16.13
CA LYS A 93 -30.29 -7.05 17.18
C LYS A 93 -29.53 -5.73 16.95
N GLU A 94 -30.31 -4.64 16.88
CA GLU A 94 -29.77 -3.33 16.59
C GLU A 94 -28.89 -2.80 17.71
N GLU A 95 -29.31 -3.00 18.96
CA GLU A 95 -28.54 -2.49 20.08
C GLU A 95 -27.12 -3.09 20.08
N GLU A 96 -27.02 -4.36 19.72
CA GLU A 96 -25.73 -5.05 19.71
C GLU A 96 -24.84 -4.57 18.55
N ALA A 97 -25.47 -4.27 17.42
CA ALA A 97 -24.77 -3.67 16.29
C ALA A 97 -24.26 -2.28 16.65
N LYS A 98 -25.13 -1.47 17.24
CA LYS A 98 -24.77 -0.10 17.66
C LYS A 98 -23.58 -0.10 18.60
N GLU A 99 -23.66 -0.95 19.63
CA GLU A 99 -22.57 -1.15 20.56
C GLU A 99 -21.29 -1.48 19.83
N LEU A 100 -21.34 -2.38 18.85
CA LEU A 100 -20.15 -2.78 18.11
C LEU A 100 -19.59 -1.65 17.27
N MET A 101 -20.46 -0.91 16.61
CA MET A 101 -20.02 0.17 15.73
C MET A 101 -19.41 1.33 16.52
N LEU A 102 -20.00 1.64 17.67
CA LEU A 102 -19.44 2.64 18.58
C LEU A 102 -18.03 2.28 19.02
N SER A 103 -17.85 1.01 19.35
CA SER A 103 -16.53 0.51 19.74
C SER A 103 -15.48 0.68 18.64
N ALA A 104 -15.89 0.41 17.41
CA ALA A 104 -15.03 0.52 16.25
C ALA A 104 -14.53 1.94 16.02
N MET A 105 -15.39 2.91 16.30
CA MET A 105 -15.04 4.31 16.16
C MET A 105 -14.09 4.70 17.30
N ARG A 106 -14.33 4.15 18.50
CA ARG A 106 -13.42 4.38 19.62
C ARG A 106 -11.99 3.91 19.34
N TYR A 107 -11.79 2.78 18.65
CA TYR A 107 -10.41 2.38 18.30
C TYR A 107 -9.95 2.77 16.89
N GLY A 108 -10.56 3.82 16.32
CA GLY A 108 -10.05 4.48 15.11
C GLY A 108 -10.12 3.72 13.79
N CYS A 109 -11.22 3.01 13.55
CA CYS A 109 -11.51 2.49 12.22
C CYS A 109 -11.70 3.68 11.31
N ASP A 110 -11.20 3.56 10.07
CA ASP A 110 -11.25 4.66 9.11
C ASP A 110 -12.66 4.91 8.62
N PHE A 111 -13.38 3.83 8.34
CA PHE A 111 -14.79 3.88 7.96
C PHE A 111 -15.64 2.89 8.76
N VAL A 112 -16.93 3.18 8.86
CA VAL A 112 -17.92 2.24 9.37
C VAL A 112 -19.09 2.23 8.39
N ASP A 113 -19.54 1.04 7.99
CA ASP A 113 -20.73 0.88 7.19
C ASP A 113 -21.93 0.86 8.12
N VAL A 114 -22.83 1.82 7.91
CA VAL A 114 -24.03 1.91 8.69
C VAL A 114 -25.21 1.72 7.77
N GLU A 115 -25.91 0.60 7.92
CA GLU A 115 -27.09 0.30 7.11
C GLU A 115 -28.25 1.23 7.38
N LEU A 116 -28.91 1.63 6.30
CA LEU A 116 -30.04 2.54 6.38
C LEU A 116 -31.33 1.81 6.86
N GLY A 117 -31.21 0.52 7.20
CA GLY A 117 -32.29 -0.21 7.88
C GLY A 117 -32.30 -0.04 9.38
N TRP A 118 -31.22 0.49 9.97
CA TRP A 118 -31.19 0.78 11.41
C TRP A 118 -32.03 2.03 11.72
N SER A 119 -32.55 2.10 12.94
CA SER A 119 -33.37 3.25 13.35
C SER A 119 -32.60 4.55 13.19
N SER A 120 -33.34 5.62 12.95
CA SER A 120 -32.75 6.94 12.81
C SER A 120 -32.16 7.39 14.14
N GLU A 121 -32.73 6.90 15.25
CA GLU A 121 -32.15 7.11 16.56
C GLU A 121 -30.73 6.54 16.61
N THR A 122 -30.58 5.30 16.18
CA THR A 122 -29.28 4.63 16.23
C THR A 122 -28.29 5.28 15.27
N ILE A 123 -28.76 5.62 14.08
CA ILE A 123 -27.90 6.23 13.08
C ILE A 123 -27.32 7.55 13.60
N ASN A 124 -28.19 8.36 14.18
CA ASN A 124 -27.80 9.63 14.79
C ASN A 124 -26.80 9.47 15.94
N ILE A 125 -27.09 8.57 16.87
CA ILE A 125 -26.15 8.27 17.94
C ILE A 125 -24.77 7.88 17.38
N LEU A 126 -24.74 7.07 16.34
CA LEU A 126 -23.47 6.69 15.72
C LEU A 126 -22.84 7.89 15.06
N TYR A 127 -23.65 8.72 14.40
CA TYR A 127 -23.15 9.97 13.80
C TYR A 127 -22.55 10.89 14.87
N GLN A 128 -23.29 11.12 15.95
CA GLN A 128 -22.80 11.97 17.05
C GLN A 128 -21.43 11.51 17.61
N HIS A 129 -21.14 10.21 17.57
CA HIS A 129 -19.89 9.68 18.13
C HIS A 129 -18.81 9.36 17.10
N LYS A 130 -18.97 9.82 15.86
CA LYS A 130 -18.08 9.34 14.82
C LYS A 130 -16.63 9.72 14.99
N GLY A 131 -16.36 10.93 15.48
CA GLY A 131 -14.98 11.42 15.57
C GLY A 131 -14.34 11.55 14.19
N TYR A 132 -13.20 10.90 13.99
CA TYR A 132 -12.53 10.91 12.68
C TYR A 132 -13.01 9.84 11.71
N THR A 133 -13.63 8.80 12.24
CA THR A 133 -14.24 7.76 11.43
C THR A 133 -15.25 8.33 10.45
N LYS A 134 -15.18 7.86 9.21
CA LYS A 134 -16.14 8.27 8.18
C LYS A 134 -17.28 7.27 8.08
N LEU A 135 -18.49 7.76 7.90
CA LEU A 135 -19.65 6.89 7.76
C LEU A 135 -20.00 6.60 6.31
N ILE A 136 -20.18 5.30 6.02
CA ILE A 136 -20.69 4.83 4.74
C ILE A 136 -22.13 4.38 5.00
N MET A 137 -23.07 5.16 4.48
CA MET A 137 -24.46 4.84 4.59
C MET A 137 -24.83 3.96 3.42
N SER A 138 -25.35 2.77 3.71
CA SER A 138 -25.53 1.71 2.73
C SER A 138 -26.96 1.20 2.68
N TRP A 139 -27.45 0.90 1.48
CA TRP A 139 -28.64 0.10 1.32
C TRP A 139 -28.51 -0.84 0.12
N HIS A 140 -29.00 -2.06 0.29
CA HIS A 140 -28.95 -3.13 -0.69
C HIS A 140 -30.39 -3.60 -1.03
N ASP A 141 -30.79 -3.51 -2.30
CA ASP A 141 -32.11 -4.01 -2.73
C ASP A 141 -32.00 -5.43 -3.28
N LEU A 142 -32.09 -6.39 -2.38
CA LEU A 142 -32.09 -7.79 -2.77
C LEU A 142 -33.23 -8.18 -3.72
N SER A 143 -34.37 -7.49 -3.63
CA SER A 143 -35.55 -7.76 -4.46
C SER A 143 -35.34 -7.50 -5.96
N GLY A 144 -34.41 -6.60 -6.30
CA GLY A 144 -34.26 -6.20 -7.68
C GLY A 144 -35.47 -5.48 -8.30
N THR A 145 -36.33 -4.90 -7.47
CA THR A 145 -37.54 -4.23 -7.96
C THR A 145 -37.44 -2.72 -7.91
N TRP A 146 -36.38 -2.16 -7.35
CA TRP A 146 -36.24 -0.69 -7.26
C TRP A 146 -35.57 -0.23 -8.54
N SER A 147 -36.37 0.35 -9.43
CA SER A 147 -35.86 0.90 -10.69
C SER A 147 -34.88 2.04 -10.43
N TRP A 148 -33.85 2.14 -11.27
CA TRP A 148 -32.93 3.30 -11.30
C TRP A 148 -33.44 4.42 -12.20
N ALA A 149 -34.25 4.07 -13.21
CA ALA A 149 -34.89 5.06 -14.09
C ALA A 149 -36.02 5.79 -13.40
N ARG A 150 -36.75 5.11 -12.51
CA ARG A 150 -37.83 5.71 -11.69
C ARG A 150 -37.52 5.45 -10.21
N PRO A 151 -36.59 6.20 -9.62
CA PRO A 151 -36.01 5.78 -8.35
C PRO A 151 -36.64 6.44 -7.13
N HIS A 152 -37.94 6.25 -6.91
CA HIS A 152 -38.61 6.84 -5.74
C HIS A 152 -38.02 6.33 -4.42
N GLU A 153 -37.82 5.01 -4.33
CA GLU A 153 -37.39 4.38 -3.09
C GLU A 153 -35.91 4.62 -2.83
N TRP A 154 -35.10 4.67 -3.90
CA TRP A 154 -33.68 5.02 -3.77
C TRP A 154 -33.49 6.45 -3.26
N MET A 155 -34.31 7.37 -3.74
CA MET A 155 -34.18 8.76 -3.34
C MET A 155 -34.61 9.01 -1.89
N GLN A 156 -35.56 8.22 -1.37
CA GLN A 156 -35.87 8.26 0.07
C GLN A 156 -34.67 7.88 0.93
N LYS A 157 -33.98 6.84 0.49
CA LYS A 157 -32.72 6.42 1.12
C LYS A 157 -31.61 7.45 1.04
N VAL A 158 -31.47 8.13 -0.09
CA VAL A 158 -30.47 9.18 -0.22
C VAL A 158 -30.80 10.34 0.72
N GLU A 159 -32.10 10.66 0.84
CA GLU A 159 -32.56 11.74 1.69
C GLU A 159 -32.19 11.45 3.15
N LEU A 160 -32.50 10.24 3.60
CA LEU A 160 -32.18 9.82 4.98
C LEU A 160 -30.67 9.83 5.23
N ALA A 161 -29.92 9.36 4.24
CA ALA A 161 -28.46 9.22 4.33
C ALA A 161 -27.73 10.54 4.36
N SER A 162 -28.26 11.54 3.65
CA SER A 162 -27.54 12.80 3.44
C SER A 162 -27.38 13.65 4.71
N SER A 163 -28.25 13.45 5.70
CA SER A 163 -28.04 14.08 7.02
C SER A 163 -26.73 13.62 7.69
N TYR A 164 -26.33 12.37 7.44
CA TYR A 164 -25.25 11.74 8.17
C TYR A 164 -24.00 11.33 7.36
N ALA A 165 -24.12 11.22 6.04
CA ALA A 165 -23.14 10.43 5.27
C ALA A 165 -21.84 11.14 4.92
N ASP A 166 -20.73 10.43 5.05
CA ASP A 166 -19.49 10.82 4.36
C ASP A 166 -19.38 10.15 2.98
N VAL A 167 -19.96 8.94 2.85
CA VAL A 167 -20.05 8.20 1.60
C VAL A 167 -21.42 7.55 1.55
N ILE A 168 -22.00 7.39 0.36
CA ILE A 168 -23.27 6.68 0.22
C ILE A 168 -23.03 5.49 -0.68
N LYS A 169 -23.55 4.34 -0.26
CA LYS A 169 -23.41 3.11 -1.02
C LYS A 169 -24.80 2.58 -1.32
N LEU A 170 -25.13 2.49 -2.61
CA LEU A 170 -26.43 1.96 -3.04
C LEU A 170 -26.16 0.80 -3.97
N VAL A 171 -26.75 -0.35 -3.66
CA VAL A 171 -26.53 -1.56 -4.45
C VAL A 171 -27.82 -2.25 -4.84
N GLY A 172 -28.08 -2.32 -6.14
CA GLY A 172 -29.27 -2.99 -6.65
C GLY A 172 -28.98 -4.45 -6.96
N MET A 173 -30.02 -5.18 -7.36
CA MET A 173 -29.87 -6.49 -7.95
C MET A 173 -30.27 -6.35 -9.40
N ALA A 174 -29.42 -6.81 -10.30
CA ALA A 174 -29.68 -6.68 -11.73
C ALA A 174 -30.45 -7.88 -12.24
N ASN A 175 -31.49 -7.63 -13.02
CA ASN A 175 -32.22 -8.68 -13.77
C ASN A 175 -31.74 -8.85 -15.22
N ASN A 176 -31.11 -7.81 -15.76
CA ASN A 176 -30.72 -7.76 -17.17
C ASN A 176 -29.69 -6.66 -17.43
N LEU A 177 -29.04 -6.68 -18.59
CA LEU A 177 -28.16 -5.58 -19.04
C LEU A 177 -28.77 -4.18 -18.83
N ASN A 178 -30.04 -4.03 -19.19
CA ASN A 178 -30.66 -2.72 -19.14
C ASN A 178 -30.63 -2.03 -17.76
N ASP A 179 -30.66 -2.83 -16.70
CA ASP A 179 -30.56 -2.32 -15.33
C ASP A 179 -29.21 -1.64 -15.04
N ASN A 180 -28.13 -2.17 -15.63
CA ASN A 180 -26.81 -1.55 -15.51
C ASN A 180 -26.72 -0.21 -16.23
N LEU A 181 -27.41 -0.12 -17.36
CA LEU A 181 -27.48 1.12 -18.13
C LEU A 181 -28.35 2.18 -17.45
N GLU A 182 -29.51 1.80 -16.93
CA GLU A 182 -30.32 2.74 -16.17
C GLU A 182 -29.54 3.27 -14.96
N LEU A 183 -28.74 2.41 -14.37
CA LEU A 183 -27.91 2.77 -13.23
C LEU A 183 -26.90 3.85 -13.59
N GLU A 184 -26.25 3.76 -14.75
CA GLU A 184 -25.33 4.83 -15.20
C GLU A 184 -26.02 6.17 -15.46
N GLU A 185 -27.20 6.14 -16.07
CA GLU A 185 -28.06 7.34 -16.16
C GLU A 185 -28.28 7.95 -14.79
N PHE A 186 -28.68 7.10 -13.84
CA PHE A 186 -28.89 7.50 -12.47
C PHE A 186 -27.59 8.09 -11.88
N ARG A 187 -26.48 7.40 -12.03
CA ARG A 187 -25.20 7.90 -11.55
C ARG A 187 -24.95 9.31 -12.04
N THR A 188 -25.20 9.58 -13.32
CA THR A 188 -24.93 10.91 -13.88
C THR A 188 -25.81 11.97 -13.21
N ARG A 189 -27.10 11.67 -13.06
CA ARG A 189 -28.09 12.63 -12.51
C ARG A 189 -27.85 13.02 -11.05
N ILE A 190 -27.64 12.02 -10.20
CA ILE A 190 -27.43 12.20 -8.76
C ILE A 190 -26.10 12.91 -8.47
N THR A 191 -25.08 12.60 -9.27
CA THR A 191 -23.75 13.17 -9.13
C THR A 191 -23.73 14.65 -9.49
N ASN A 192 -24.56 15.06 -10.45
CA ASN A 192 -24.76 16.50 -10.78
C ASN A 192 -25.41 17.29 -9.64
N SER A 193 -26.36 16.64 -8.95
CA SER A 193 -27.18 17.29 -7.94
C SER A 193 -26.62 17.23 -6.51
N MET A 194 -25.49 16.54 -6.30
CA MET A 194 -24.96 16.30 -4.95
C MET A 194 -23.50 15.89 -5.00
N ASP A 195 -22.74 16.18 -3.95
CA ASP A 195 -21.28 15.94 -3.93
C ASP A 195 -20.75 15.10 -2.73
N ILE A 196 -21.63 14.37 -2.07
CA ILE A 196 -21.21 13.27 -1.22
C ILE A 196 -20.73 12.21 -2.20
N PRO A 197 -19.56 11.59 -1.95
CA PRO A 197 -19.12 10.55 -2.89
C PRO A 197 -20.00 9.31 -2.83
N LEU A 198 -20.08 8.61 -3.96
CA LEU A 198 -21.06 7.55 -4.17
C LEU A 198 -20.46 6.23 -4.66
N ILE A 199 -20.70 5.15 -3.92
CA ILE A 199 -20.48 3.78 -4.39
C ILE A 199 -21.83 3.27 -4.92
N LEU A 200 -21.83 2.78 -6.14
CA LEU A 200 -23.07 2.46 -6.84
C LEU A 200 -22.87 1.37 -7.88
N PHE A 201 -23.60 0.27 -7.71
CA PHE A 201 -23.55 -0.87 -8.64
C PHE A 201 -24.70 -1.82 -8.39
N ASN A 202 -24.81 -2.84 -9.24
CA ASN A 202 -25.76 -3.91 -9.10
C ASN A 202 -25.00 -5.19 -8.83
N MET A 203 -25.41 -5.89 -7.78
CA MET A 203 -24.94 -7.25 -7.56
C MET A 203 -25.71 -8.21 -8.47
N GLY A 204 -25.29 -9.48 -8.47
CA GLY A 204 -25.81 -10.47 -9.40
C GLY A 204 -24.83 -10.63 -10.53
N ARG A 205 -24.81 -11.82 -11.13
CA ARG A 205 -23.99 -12.08 -12.32
C ARG A 205 -24.36 -11.17 -13.47
N PHE A 206 -25.63 -10.81 -13.59
CA PHE A 206 -26.07 -9.82 -14.59
C PHE A 206 -25.55 -8.42 -14.28
N GLY A 207 -25.32 -8.12 -13.01
CA GLY A 207 -24.84 -6.79 -12.58
C GLY A 207 -23.39 -6.45 -12.84
N GLN A 208 -22.61 -7.44 -13.27
CA GLN A 208 -21.14 -7.33 -13.31
C GLN A 208 -20.62 -6.12 -14.10
N LEU A 209 -21.28 -5.76 -15.20
CA LEU A 209 -20.93 -4.51 -15.89
C LEU A 209 -20.88 -3.29 -14.93
N SER A 210 -21.89 -3.16 -14.06
CA SER A 210 -21.97 -1.97 -13.21
C SER A 210 -20.83 -1.92 -12.20
N ARG A 211 -20.36 -3.07 -11.71
CA ARG A 211 -19.17 -3.12 -10.82
C ARG A 211 -17.94 -2.61 -11.53
N ILE A 212 -17.77 -3.05 -12.77
CA ILE A 212 -16.66 -2.68 -13.62
C ILE A 212 -16.63 -1.17 -13.87
N LEU A 213 -17.80 -0.57 -14.11
CA LEU A 213 -17.95 0.89 -14.31
C LEU A 213 -17.92 1.76 -13.04
N ASN A 214 -18.19 1.17 -11.89
CA ASN A 214 -18.10 1.89 -10.63
C ASN A 214 -16.64 2.16 -10.23
N LYS A 215 -16.20 3.40 -10.38
CA LYS A 215 -14.76 3.71 -10.20
C LYS A 215 -14.38 3.88 -8.76
N PHE A 216 -15.27 4.48 -7.98
CA PHE A 216 -15.01 4.81 -6.59
C PHE A 216 -15.35 3.69 -5.62
N MET A 217 -14.31 3.12 -4.99
CA MET A 217 -14.42 2.11 -3.90
C MET A 217 -15.28 0.91 -4.25
N THR A 218 -14.88 0.20 -5.31
CA THR A 218 -15.55 -1.05 -5.70
C THR A 218 -15.09 -2.17 -4.79
N PRO A 219 -16.02 -3.00 -4.31
CA PRO A 219 -15.55 -4.18 -3.58
C PRO A 219 -15.05 -5.27 -4.52
N VAL A 220 -13.99 -5.93 -4.08
CA VAL A 220 -13.39 -7.03 -4.78
C VAL A 220 -13.11 -8.16 -3.78
N THR A 221 -12.82 -9.34 -4.32
CA THR A 221 -12.48 -10.50 -3.54
C THR A 221 -11.17 -11.08 -4.08
N HIS A 222 -10.79 -12.26 -3.61
CA HIS A 222 -9.55 -12.92 -4.04
C HIS A 222 -9.70 -14.46 -3.90
N PRO A 223 -9.08 -15.25 -4.80
CA PRO A 223 -9.35 -16.72 -4.80
C PRO A 223 -9.13 -17.50 -3.48
N LEU A 224 -8.22 -16.99 -2.66
CA LEU A 224 -7.91 -17.53 -1.35
C LEU A 224 -8.94 -17.23 -0.24
N LEU A 225 -9.81 -16.24 -0.44
CA LEU A 225 -10.87 -15.99 0.52
C LEU A 225 -11.90 -17.10 0.38
N PRO A 226 -12.62 -17.40 1.47
CA PRO A 226 -13.49 -18.58 1.41
C PRO A 226 -14.68 -18.46 0.46
N SER A 227 -15.15 -17.24 0.19
CA SER A 227 -16.33 -17.05 -0.66
C SER A 227 -16.44 -15.62 -1.13
N LYS A 228 -17.28 -15.40 -2.14
CA LYS A 228 -17.64 -14.04 -2.55
C LYS A 228 -18.55 -13.46 -1.52
N ALA A 229 -18.42 -12.16 -1.30
CA ALA A 229 -19.32 -11.44 -0.40
C ALA A 229 -20.71 -11.32 -0.99
N ALA A 230 -20.81 -11.19 -2.31
CA ALA A 230 -22.10 -11.11 -2.97
C ALA A 230 -22.01 -11.60 -4.42
N PRO A 231 -23.16 -12.02 -5.00
CA PRO A 231 -23.16 -12.55 -6.37
C PRO A 231 -22.62 -11.53 -7.36
N GLY A 232 -21.74 -11.99 -8.23
CA GLY A 232 -21.21 -11.16 -9.28
C GLY A 232 -19.89 -10.52 -8.93
N GLN A 233 -19.39 -10.76 -7.74
CA GLN A 233 -18.18 -10.09 -7.30
C GLN A 233 -16.97 -10.60 -8.06
N LEU A 234 -16.08 -9.67 -8.37
CA LEU A 234 -14.86 -9.93 -9.14
C LEU A 234 -13.61 -9.82 -8.29
N THR A 235 -12.53 -10.48 -8.72
CA THR A 235 -11.23 -10.29 -8.13
C THR A 235 -10.60 -9.06 -8.76
N VAL A 236 -9.49 -8.58 -8.19
CA VAL A 236 -8.76 -7.44 -8.74
C VAL A 236 -8.26 -7.74 -10.15
N LYS A 237 -7.73 -8.93 -10.34
CA LYS A 237 -7.27 -9.36 -11.66
C LYS A 237 -8.39 -9.31 -12.69
N GLN A 238 -9.52 -9.90 -12.33
CA GLN A 238 -10.68 -9.94 -13.20
C GLN A 238 -11.17 -8.54 -13.49
N LEU A 239 -11.17 -7.70 -12.47
CA LEU A 239 -11.68 -6.34 -12.58
C LEU A 239 -10.88 -5.54 -13.59
N ASN A 240 -9.56 -5.65 -13.54
CA ASN A 240 -8.70 -4.98 -14.51
C ASN A 240 -8.85 -5.59 -15.91
N GLU A 241 -8.81 -6.91 -15.98
CA GLU A 241 -9.04 -7.58 -17.24
C GLU A 241 -10.32 -7.12 -17.94
N ALA A 242 -11.39 -6.97 -17.17
CA ALA A 242 -12.65 -6.51 -17.71
C ALA A 242 -12.56 -5.06 -18.18
N ARG A 243 -12.00 -4.20 -17.33
CA ARG A 243 -11.81 -2.79 -17.66
C ARG A 243 -10.95 -2.57 -18.89
N VAL A 244 -9.99 -3.44 -19.13
CA VAL A 244 -9.18 -3.35 -20.33
C VAL A 244 -10.02 -3.73 -21.54
N LEU A 245 -10.78 -4.81 -21.42
CA LEU A 245 -11.58 -5.31 -22.53
C LEU A 245 -12.71 -4.38 -22.92
N ILE A 246 -13.30 -3.64 -21.98
CA ILE A 246 -14.34 -2.67 -22.35
C ILE A 246 -13.82 -1.31 -22.81
N GLY A 247 -12.50 -1.09 -22.74
CA GLY A 247 -11.90 0.19 -23.12
C GLY A 247 -11.73 1.27 -22.05
N GLU A 248 -11.92 0.92 -20.78
CA GLU A 248 -11.73 1.87 -19.66
C GLU A 248 -10.26 2.09 -19.36
N ILE A 249 -9.49 1.02 -19.19
CA ILE A 249 -8.02 1.09 -19.02
C ILE A 249 -7.32 0.80 -20.34
N LEU A 250 -6.55 1.77 -20.82
CA LEU A 250 -5.81 1.62 -22.08
C LEU A 250 -4.36 1.09 -21.85
N PRO A 251 -3.84 0.33 -22.83
CA PRO A 251 -2.45 -0.14 -22.80
C PRO A 251 -1.45 0.97 -22.81
N GLU A 252 -0.36 0.76 -22.08
CA GLU A 252 0.63 1.79 -21.82
C GLU A 252 2.01 1.15 -21.95
N LYS A 253 2.94 1.95 -22.48
CA LYS A 253 4.32 1.51 -22.63
C LYS A 253 5.17 2.11 -21.50
N PHE A 254 5.86 1.23 -20.78
CA PHE A 254 6.80 1.60 -19.72
C PHE A 254 8.23 1.26 -20.15
N PHE A 255 9.18 1.98 -19.57
CA PHE A 255 10.56 1.92 -20.03
C PHE A 255 11.58 1.99 -18.89
N LEU A 256 12.82 1.64 -19.20
CA LEU A 256 13.96 1.84 -18.33
C LEU A 256 15.00 2.62 -19.12
N PHE A 257 15.44 3.77 -18.61
CA PHE A 257 16.49 4.55 -19.23
C PHE A 257 17.78 4.36 -18.43
N GLY A 258 18.91 4.37 -19.13
CA GLY A 258 20.23 4.22 -18.52
C GLY A 258 21.19 3.51 -19.46
N LYS A 259 22.39 3.21 -18.95
CA LYS A 259 23.44 2.58 -19.75
C LYS A 259 24.60 2.12 -18.86
N PRO A 260 24.95 0.82 -18.85
CA PRO A 260 24.33 -0.32 -19.54
C PRO A 260 23.07 -0.84 -18.80
N ILE A 261 22.05 -1.24 -19.56
CA ILE A 261 20.84 -1.85 -19.00
C ILE A 261 20.47 -3.22 -19.61
N LYS A 262 21.10 -3.58 -20.74
CA LYS A 262 21.20 -4.95 -21.22
C LYS A 262 20.67 -6.01 -20.24
N HIS A 263 21.32 -6.13 -19.09
CA HIS A 263 21.07 -7.20 -18.11
C HIS A 263 20.17 -6.82 -16.93
N SER A 264 19.58 -5.63 -16.96
CA SER A 264 18.59 -5.27 -15.95
C SER A 264 17.40 -6.25 -15.96
N ARG A 265 16.96 -6.64 -14.77
CA ARG A 265 15.82 -7.54 -14.59
C ARG A 265 14.53 -6.80 -14.24
N SER A 266 14.54 -5.47 -14.41
CA SER A 266 13.33 -4.68 -14.24
C SER A 266 12.21 -5.02 -15.23
N PRO A 267 12.54 -5.32 -16.49
CA PRO A 267 11.45 -5.76 -17.38
C PRO A 267 10.71 -7.02 -16.92
N ILE A 268 11.43 -8.00 -16.36
CA ILE A 268 10.77 -9.22 -15.86
C ILE A 268 9.90 -8.86 -14.65
N LEU A 269 10.42 -7.97 -13.81
CA LEU A 269 9.71 -7.56 -12.59
C LEU A 269 8.38 -6.93 -12.91
N HIS A 270 8.38 -5.93 -13.78
CA HIS A 270 7.14 -5.24 -14.14
C HIS A 270 6.22 -6.08 -15.04
N SER A 271 6.79 -6.84 -15.97
CA SER A 271 6.03 -7.80 -16.82
C SER A 271 5.21 -8.73 -15.95
N THR A 272 5.88 -9.31 -14.94
CA THR A 272 5.24 -10.19 -13.98
C THR A 272 4.13 -9.45 -13.24
N ALA A 273 4.37 -8.23 -12.80
CA ALA A 273 3.33 -7.49 -12.09
C ALA A 273 2.04 -7.29 -12.93
N TYR A 274 2.20 -6.97 -14.21
CA TYR A 274 1.04 -6.79 -15.11
C TYR A 274 0.21 -8.05 -15.20
N GLU A 275 0.92 -9.17 -15.35
CA GLU A 275 0.33 -10.48 -15.50
C GLU A 275 -0.46 -10.90 -14.29
N LEU A 276 0.08 -10.66 -13.10
CA LEU A 276 -0.62 -10.94 -11.84
C LEU A 276 -1.79 -10.00 -11.52
N LEU A 277 -1.84 -8.83 -12.14
CA LEU A 277 -2.92 -7.86 -11.90
C LEU A 277 -3.88 -7.64 -13.05
N GLY A 278 -3.70 -8.40 -14.14
CA GLY A 278 -4.62 -8.37 -15.26
C GLY A 278 -4.48 -7.12 -16.11
N LEU A 279 -3.27 -6.56 -16.16
CA LEU A 279 -3.01 -5.34 -16.89
C LEU A 279 -2.36 -5.64 -18.25
N PRO A 280 -2.57 -4.76 -19.24
CA PRO A 280 -2.12 -5.04 -20.61
C PRO A 280 -0.85 -4.31 -21.01
N HIS A 281 -0.02 -3.92 -20.05
CA HIS A 281 1.07 -2.99 -20.32
C HIS A 281 2.30 -3.75 -20.82
N THR A 282 3.28 -3.00 -21.32
CA THR A 282 4.61 -3.56 -21.61
C THR A 282 5.67 -2.74 -20.90
N TYR A 283 6.82 -3.36 -20.60
CA TYR A 283 8.00 -2.66 -20.04
C TYR A 283 9.26 -3.07 -20.78
N GLU A 284 10.03 -2.09 -21.24
CA GLU A 284 11.20 -2.32 -22.10
C GLU A 284 12.42 -1.53 -21.67
N ALA A 285 13.57 -2.20 -21.61
CA ALA A 285 14.84 -1.48 -21.65
C ALA A 285 14.93 -0.61 -22.90
N PHE A 286 15.36 0.65 -22.73
CA PHE A 286 15.58 1.57 -23.83
C PHE A 286 16.90 2.31 -23.59
N GLU A 287 17.99 1.62 -23.91
CA GLU A 287 19.34 2.11 -23.67
C GLU A 287 19.67 3.26 -24.63
N THR A 288 20.23 4.35 -24.12
CA THR A 288 20.65 5.45 -24.99
C THR A 288 22.01 6.00 -24.61
N ASP A 289 22.68 6.59 -25.61
CA ASP A 289 24.02 7.13 -25.49
C ASP A 289 24.05 8.50 -24.82
N THR A 290 23.02 9.29 -25.11
CA THR A 290 22.77 10.53 -24.40
C THR A 290 21.43 10.43 -23.67
N VAL A 291 21.25 11.31 -22.71
CA VAL A 291 19.97 11.48 -22.03
C VAL A 291 18.91 12.14 -22.91
N ASP A 292 19.33 12.90 -23.92
CA ASP A 292 18.40 13.71 -24.70
C ASP A 292 17.56 12.91 -25.65
N GLU A 293 18.04 11.72 -25.97
CA GLU A 293 17.33 10.78 -26.81
C GLU A 293 16.08 10.17 -26.16
N VAL A 294 15.91 10.32 -24.83
CA VAL A 294 14.72 9.79 -24.15
C VAL A 294 13.51 10.73 -24.25
N GLN A 295 13.72 11.97 -24.70
CA GLN A 295 12.65 12.96 -24.76
C GLN A 295 11.49 12.57 -25.70
N LYS A 296 11.81 11.91 -26.81
CA LYS A 296 10.78 11.47 -27.79
C LYS A 296 9.95 10.28 -27.27
N VAL A 297 10.51 9.53 -26.32
CA VAL A 297 9.82 8.45 -25.62
C VAL A 297 8.82 9.02 -24.64
N LEU A 298 9.25 10.05 -23.91
CA LEU A 298 8.42 10.73 -22.92
C LEU A 298 7.19 11.37 -23.54
N ASN A 299 7.27 11.71 -24.83
CA ASN A 299 6.14 12.30 -25.56
C ASN A 299 5.28 11.33 -26.39
N LEU A 300 5.55 10.02 -26.32
CA LEU A 300 4.71 9.06 -27.03
C LEU A 300 3.28 9.18 -26.50
N PRO A 301 2.28 9.07 -27.38
CA PRO A 301 0.90 9.23 -26.86
C PRO A 301 0.51 8.21 -25.75
N ASP A 302 1.08 7.00 -25.83
CA ASP A 302 0.78 5.90 -24.90
C ASP A 302 1.85 5.66 -23.80
N PHE A 303 2.72 6.65 -23.55
CA PHE A 303 3.77 6.56 -22.53
C PHE A 303 3.12 6.59 -21.16
N GLY A 304 3.42 5.56 -20.35
CA GLY A 304 2.84 5.40 -19.01
C GLY A 304 3.76 5.73 -17.84
N GLY A 305 5.07 5.76 -18.10
CA GLY A 305 6.09 6.08 -17.12
C GLY A 305 7.44 5.47 -17.48
N ALA A 306 8.48 5.82 -16.73
CA ALA A 306 9.77 5.14 -16.89
C ALA A 306 10.69 5.23 -15.68
N ASN A 307 11.43 4.15 -15.44
CA ASN A 307 12.52 4.14 -14.49
C ASN A 307 13.79 4.72 -15.11
N VAL A 308 14.64 5.29 -14.26
CA VAL A 308 15.92 5.86 -14.66
C VAL A 308 16.99 5.29 -13.74
N THR A 309 18.04 4.74 -14.33
CA THR A 309 19.20 4.27 -13.59
C THR A 309 20.43 5.03 -14.08
N ILE A 310 21.61 4.58 -13.66
CA ILE A 310 22.88 5.24 -13.98
C ILE A 310 23.07 5.26 -15.50
N PRO A 311 23.56 6.39 -16.06
CA PRO A 311 24.07 7.61 -15.48
C PRO A 311 23.14 8.82 -15.64
N TYR A 312 21.83 8.59 -15.59
CA TYR A 312 20.84 9.60 -15.98
C TYR A 312 19.89 10.08 -14.87
N LYS A 313 20.07 9.61 -13.63
CA LYS A 313 19.16 9.99 -12.54
C LYS A 313 19.16 11.50 -12.22
N LEU A 314 20.29 12.17 -12.46
CA LEU A 314 20.38 13.62 -12.25
C LEU A 314 20.07 14.42 -13.52
N SER A 315 20.62 13.98 -14.65
CA SER A 315 20.49 14.72 -15.90
C SER A 315 19.09 14.68 -16.50
N VAL A 316 18.27 13.74 -16.06
CA VAL A 316 16.90 13.63 -16.54
C VAL A 316 15.98 14.68 -15.93
N MET A 317 16.34 15.16 -14.73
CA MET A 317 15.51 16.12 -13.98
C MET A 317 15.18 17.40 -14.74
N LYS A 318 16.10 17.81 -15.60
CA LYS A 318 15.85 18.72 -16.73
C LYS A 318 14.40 18.71 -17.28
N PHE A 319 13.91 17.52 -17.61
CA PHE A 319 12.64 17.35 -18.32
C PHE A 319 11.41 17.27 -17.43
N MET A 320 11.59 17.32 -16.12
CA MET A 320 10.48 17.21 -15.20
C MET A 320 9.90 18.60 -14.93
N ASP A 321 8.58 18.65 -14.85
CA ASP A 321 7.83 19.85 -14.45
C ASP A 321 7.62 19.91 -12.92
N GLU A 322 7.59 18.73 -12.28
CA GLU A 322 7.36 18.56 -10.86
C GLU A 322 8.35 17.55 -10.31
N LEU A 323 8.65 17.65 -9.01
CA LEU A 323 9.41 16.63 -8.30
C LEU A 323 8.68 16.26 -7.02
N SER A 324 8.84 15.02 -6.58
CA SER A 324 8.35 14.64 -5.25
C SER A 324 9.34 15.20 -4.24
N ASP A 325 8.91 15.27 -2.98
CA ASP A 325 9.78 15.77 -1.92
C ASP A 325 11.10 15.01 -1.90
N GLU A 326 11.04 13.68 -2.01
CA GLU A 326 12.24 12.86 -1.88
C GLU A 326 13.17 13.10 -3.06
N ALA A 327 12.59 13.22 -4.25
CA ALA A 327 13.40 13.45 -5.45
C ALA A 327 14.14 14.78 -5.34
N ARG A 328 13.45 15.80 -4.84
CA ARG A 328 14.09 17.09 -4.64
C ARG A 328 15.13 17.00 -3.54
N PHE A 329 14.79 16.39 -2.43
CA PHE A 329 15.68 16.34 -1.31
C PHE A 329 16.96 15.59 -1.68
N PHE A 330 16.85 14.42 -2.31
CA PHE A 330 18.03 13.65 -2.72
C PHE A 330 18.60 14.08 -4.07
N GLY A 331 17.93 14.98 -4.78
CA GLY A 331 18.43 15.53 -6.04
C GLY A 331 18.62 14.47 -7.10
N ALA A 332 17.63 13.59 -7.23
CA ALA A 332 17.75 12.47 -8.15
C ALA A 332 16.37 11.89 -8.46
N VAL A 333 16.20 11.50 -9.72
CA VAL A 333 14.96 10.87 -10.18
C VAL A 333 15.26 9.46 -10.65
N ASN A 334 14.51 8.47 -10.13
CA ASN A 334 14.47 7.12 -10.74
C ASN A 334 13.09 6.70 -11.28
N THR A 335 12.07 7.55 -11.15
CA THR A 335 10.71 7.20 -11.53
C THR A 335 10.03 8.42 -12.13
N ILE A 336 9.79 8.37 -13.43
CA ILE A 336 9.12 9.42 -14.17
C ILE A 336 7.65 9.08 -14.33
N ILE A 337 6.77 9.96 -13.85
CA ILE A 337 5.33 9.74 -13.84
C ILE A 337 4.65 10.79 -14.72
N PRO A 338 3.97 10.36 -15.79
CA PRO A 338 3.20 11.30 -16.60
C PRO A 338 1.81 11.55 -16.01
N ILE A 339 1.34 12.78 -16.12
CA ILE A 339 0.02 13.20 -15.63
C ILE A 339 -0.60 14.01 -16.76
N ARG A 340 -1.73 13.53 -17.30
CA ARG A 340 -2.55 14.33 -18.23
C ARG A 340 -3.63 15.07 -17.42
N ILE A 341 -3.36 16.34 -17.12
CA ILE A 341 -4.31 17.21 -16.40
C ILE A 341 -5.49 17.55 -17.34
N GLY A 342 -5.23 17.63 -18.64
CA GLY A 342 -6.29 17.65 -19.65
C GLY A 342 -5.68 17.15 -20.95
N ASP A 343 -5.26 18.10 -21.78
CA ASP A 343 -4.41 17.83 -22.96
C ASP A 343 -2.96 18.30 -22.73
N LYS A 344 -2.65 18.70 -21.51
CA LYS A 344 -1.31 19.11 -21.12
C LYS A 344 -0.61 17.89 -20.51
N LEU A 345 0.63 17.65 -20.93
CA LEU A 345 1.47 16.65 -20.29
C LEU A 345 2.30 17.28 -19.18
N VAL A 346 2.23 16.70 -17.99
CA VAL A 346 3.09 17.11 -16.86
C VAL A 346 3.93 15.90 -16.48
N LEU A 347 5.24 16.10 -16.38
CA LEU A 347 6.13 15.02 -15.98
C LEU A 347 6.58 15.22 -14.54
N ARG A 348 6.37 14.19 -13.72
CA ARG A 348 6.72 14.21 -12.33
C ARG A 348 7.85 13.22 -12.09
N GLY A 349 8.97 13.70 -11.55
CA GLY A 349 10.06 12.82 -11.14
C GLY A 349 9.87 12.44 -9.68
N ASP A 350 9.96 11.15 -9.38
CA ASP A 350 10.02 10.68 -8.02
C ASP A 350 11.25 9.79 -7.90
N ASN A 351 11.52 9.36 -6.67
CA ASN A 351 12.67 8.57 -6.33
C ASN A 351 12.24 7.53 -5.33
N THR A 352 12.19 6.28 -5.77
CA THR A 352 11.82 5.16 -4.89
C THR A 352 13.01 4.40 -4.33
N ASP A 353 14.25 4.84 -4.58
CA ASP A 353 15.41 4.13 -4.05
C ASP A 353 15.31 3.90 -2.53
N TRP A 354 14.94 4.93 -1.78
CA TRP A 354 14.72 4.80 -0.33
C TRP A 354 13.65 3.77 0.05
N ARG A 355 12.63 3.61 -0.79
CA ARG A 355 11.53 2.69 -0.51
C ARG A 355 12.04 1.26 -0.44
N GLY A 356 13.05 0.92 -1.23
CA GLY A 356 13.71 -0.37 -1.15
C GLY A 356 14.18 -0.68 0.27
N ILE A 357 14.66 0.35 0.96
CA ILE A 357 15.09 0.22 2.35
C ILE A 357 13.91 0.25 3.28
N TYR A 358 13.12 1.31 3.21
CA TYR A 358 11.99 1.48 4.07
C TYR A 358 11.04 0.29 4.06
N ASP A 359 10.56 -0.07 2.86
CA ASP A 359 9.55 -1.11 2.71
C ASP A 359 10.04 -2.50 3.12
N THR A 360 11.36 -2.72 2.99
CA THR A 360 11.95 -4.00 3.39
C THR A 360 11.82 -4.17 4.90
N PHE A 361 12.23 -3.14 5.65
CA PHE A 361 12.06 -3.11 7.11
C PHE A 361 10.60 -3.19 7.51
N ALA A 362 9.76 -2.38 6.87
CA ALA A 362 8.33 -2.38 7.17
C ALA A 362 7.74 -3.80 7.18
N ASN A 363 8.12 -4.62 6.18
CA ASN A 363 7.65 -6.00 6.07
C ASN A 363 8.39 -7.01 6.92
N ALA A 364 9.68 -6.79 7.13
CA ALA A 364 10.51 -7.75 7.88
C ALA A 364 10.30 -7.72 9.39
N LEU A 365 9.66 -6.68 9.92
CA LEU A 365 9.62 -6.44 11.38
C LEU A 365 8.55 -7.19 12.21
N ASP A 366 7.48 -7.67 11.59
CA ASP A 366 6.34 -8.29 12.30
C ASP A 366 5.68 -7.28 13.25
N GLY A 367 5.51 -7.60 14.54
CA GLY A 367 4.96 -6.65 15.53
C GLY A 367 5.91 -5.49 15.82
N VAL A 368 7.18 -5.83 16.10
CA VAL A 368 8.26 -4.87 16.43
C VAL A 368 8.12 -3.51 15.74
N SER A 369 7.90 -2.47 16.53
CA SER A 369 8.00 -1.08 16.08
C SER A 369 9.42 -0.57 16.37
N LEU A 370 9.96 0.26 15.49
CA LEU A 370 11.28 0.86 15.68
C LEU A 370 11.22 2.23 16.35
N ARG A 371 10.05 2.69 16.79
CA ARG A 371 9.96 3.90 17.61
C ARG A 371 10.88 3.79 18.79
N ASP A 372 11.74 4.80 18.96
CA ASP A 372 12.66 4.92 20.07
C ASP A 372 13.61 3.74 20.20
N THR A 373 14.21 3.32 19.08
CA THR A 373 15.22 2.25 19.07
C THR A 373 16.53 2.81 18.52
N ASN A 374 17.56 1.99 18.50
CA ASN A 374 18.83 2.39 17.95
C ASN A 374 19.12 1.68 16.67
N GLY A 375 19.67 2.42 15.69
CA GLY A 375 20.04 1.88 14.40
C GLY A 375 21.48 2.13 14.04
N LEU A 376 21.95 1.47 12.99
CA LEU A 376 23.28 1.66 12.46
C LEU A 376 23.22 1.66 10.95
N VAL A 377 23.87 2.65 10.35
CA VAL A 377 24.06 2.73 8.91
C VAL A 377 25.56 2.69 8.69
N ILE A 378 26.00 1.88 7.73
CA ILE A 378 27.41 1.75 7.39
C ILE A 378 27.61 2.19 5.96
N GLY A 379 28.52 3.15 5.76
CA GLY A 379 28.76 3.76 4.45
C GLY A 379 28.37 5.24 4.39
N ALA A 380 28.82 5.90 3.33
CA ALA A 380 28.67 7.34 3.17
C ALA A 380 28.35 7.80 1.74
N GLY A 381 27.90 6.89 0.89
CA GLY A 381 27.49 7.25 -0.46
C GLY A 381 26.05 7.72 -0.49
N GLY A 382 25.51 7.78 -1.71
CA GLY A 382 24.11 8.11 -1.92
C GLY A 382 23.15 7.21 -1.17
N THR A 383 23.45 5.92 -1.14
CA THR A 383 22.53 4.95 -0.55
C THR A 383 22.46 5.15 0.97
N SER A 384 23.57 5.50 1.60
CA SER A 384 23.58 5.72 3.05
C SER A 384 22.64 6.85 3.46
N ARG A 385 22.46 7.81 2.58
CA ARG A 385 21.58 8.94 2.88
C ARG A 385 20.13 8.52 2.89
N ALA A 386 19.74 7.71 1.90
CA ALA A 386 18.41 7.11 1.85
C ALA A 386 18.17 6.23 3.06
N ALA A 387 19.20 5.49 3.46
CA ALA A 387 19.13 4.63 4.63
C ALA A 387 18.88 5.41 5.92
N ILE A 388 19.58 6.53 6.11
CA ILE A 388 19.35 7.41 7.23
C ILE A 388 17.93 7.95 7.22
N TYR A 389 17.51 8.55 6.11
CA TYR A 389 16.10 8.98 5.95
C TYR A 389 15.11 7.85 6.30
N SER A 390 15.34 6.66 5.74
CA SER A 390 14.45 5.52 5.99
C SER A 390 14.41 5.16 7.46
N LEU A 391 15.57 5.06 8.11
CA LEU A 391 15.57 4.66 9.53
C LEU A 391 14.88 5.73 10.37
N HIS A 392 15.14 6.99 10.04
CA HIS A 392 14.52 8.10 10.73
C HIS A 392 13.01 8.06 10.56
N ARG A 393 12.57 7.80 9.33
CA ARG A 393 11.14 7.79 9.03
C ARG A 393 10.41 6.66 9.71
N LEU A 394 11.09 5.56 9.98
CA LEU A 394 10.53 4.45 10.73
C LEU A 394 10.57 4.68 12.24
N GLY A 395 11.13 5.80 12.70
CA GLY A 395 11.09 6.17 14.13
C GLY A 395 12.33 5.87 14.96
N VAL A 396 13.42 5.43 14.34
CA VAL A 396 14.66 5.19 15.08
C VAL A 396 15.15 6.49 15.74
N SER A 397 15.35 6.47 17.05
CA SER A 397 15.73 7.68 17.81
C SER A 397 17.24 7.91 17.93
N ARG A 398 18.05 6.87 17.72
CA ARG A 398 19.50 7.05 17.60
C ARG A 398 20.00 6.31 16.38
N ILE A 399 20.41 7.06 15.37
CA ILE A 399 20.88 6.52 14.12
C ILE A 399 22.42 6.61 14.13
N TYR A 400 23.08 5.49 14.46
CA TYR A 400 24.54 5.44 14.47
C TYR A 400 25.09 5.34 13.04
N LEU A 401 26.19 6.06 12.80
CA LEU A 401 26.78 6.16 11.47
C LEU A 401 28.26 5.83 11.49
N LEU A 402 28.67 4.84 10.69
CA LEU A 402 30.00 4.26 10.78
C LEU A 402 30.70 4.24 9.44
N ASN A 403 31.94 4.74 9.42
CA ASN A 403 32.74 4.84 8.21
C ASN A 403 34.24 4.72 8.46
N ARG A 404 34.99 4.61 7.37
CA ARG A 404 36.44 4.57 7.40
C ARG A 404 36.99 5.88 7.96
N THR A 405 36.38 7.00 7.59
CA THR A 405 36.82 8.31 8.09
C THR A 405 35.67 9.17 8.60
N LEU A 406 36.03 10.11 9.47
CA LEU A 406 35.08 11.07 10.01
C LEU A 406 34.52 11.99 8.93
N ALA A 407 35.37 12.46 8.03
CA ALA A 407 34.96 13.40 6.97
C ALA A 407 33.82 12.82 6.11
N ASN A 408 33.89 11.53 5.83
CA ASN A 408 32.83 10.82 5.13
C ASN A 408 31.50 10.92 5.89
N SER A 409 31.51 10.56 7.17
CA SER A 409 30.30 10.59 7.98
C SER A 409 29.75 12.00 8.13
N TYR A 410 30.65 12.97 8.29
CA TYR A 410 30.25 14.37 8.39
C TYR A 410 29.57 14.89 7.13
N ARG A 411 30.06 14.51 5.97
CA ARG A 411 29.43 14.94 4.72
C ARG A 411 27.94 14.50 4.66
N VAL A 412 27.70 13.27 5.08
CA VAL A 412 26.38 12.71 5.13
C VAL A 412 25.54 13.38 6.21
N GLN A 413 26.10 13.50 7.41
CA GLN A 413 25.39 14.11 8.53
C GLN A 413 24.88 15.50 8.17
N ASP A 414 25.72 16.29 7.49
CA ASP A 414 25.44 17.69 7.21
C ASP A 414 24.34 17.92 6.18
N VAL A 415 23.91 16.87 5.48
CA VAL A 415 22.69 16.92 4.65
C VAL A 415 21.42 17.11 5.50
N PHE A 416 21.44 16.62 6.73
CA PHE A 416 20.28 16.61 7.59
C PHE A 416 20.39 17.69 8.66
N PRO A 417 19.28 18.06 9.32
CA PRO A 417 19.40 19.07 10.35
C PRO A 417 20.12 18.52 11.57
N PRO A 418 20.55 19.40 12.49
CA PRO A 418 21.30 18.99 13.70
C PRO A 418 20.62 17.99 14.63
N ASP A 419 19.30 18.04 14.73
CA ASP A 419 18.57 17.16 15.63
C ASP A 419 17.94 15.98 14.89
N TYR A 420 18.58 15.47 13.84
CA TYR A 420 18.07 14.31 13.10
C TYR A 420 18.54 12.96 13.68
N ASN A 421 19.01 12.96 14.93
CA ASN A 421 19.37 11.77 15.67
C ASN A 421 20.57 11.02 15.15
N ILE A 422 21.38 11.67 14.32
CA ILE A 422 22.56 11.01 13.78
C ILE A 422 23.68 11.10 14.82
N HIS A 423 24.31 9.98 15.13
CA HIS A 423 25.45 9.90 16.04
C HIS A 423 26.60 9.21 15.34
N ILE A 424 27.62 9.98 14.98
CA ILE A 424 28.77 9.45 14.24
C ILE A 424 29.66 8.65 15.17
N ILE A 425 30.21 7.56 14.65
CA ILE A 425 31.18 6.71 15.35
C ILE A 425 32.50 6.83 14.63
N ASP A 426 33.56 7.20 15.35
CA ASP A 426 34.91 7.32 14.82
C ASP A 426 35.60 5.99 15.03
N SER A 427 35.94 5.33 13.92
CA SER A 427 36.61 4.04 13.98
C SER A 427 38.05 4.12 14.52
N ASP A 428 38.64 5.32 14.56
CA ASP A 428 39.97 5.47 15.19
C ASP A 428 39.80 5.60 16.69
N ASN A 429 39.21 6.72 17.12
CA ASN A 429 38.94 6.97 18.53
C ASN A 429 37.59 6.35 18.96
N ILE A 430 37.55 5.01 18.99
CA ILE A 430 36.32 4.23 19.29
C ILE A 430 35.84 4.42 20.75
N PRO A 431 34.63 5.03 20.97
CA PRO A 431 34.13 5.28 22.34
C PRO A 431 33.45 4.04 22.97
N SER A 432 34.25 3.01 23.25
CA SER A 432 33.76 1.66 23.60
C SER A 432 32.69 1.58 24.70
N GLU A 433 32.73 2.51 25.66
CA GLU A 433 31.84 2.46 26.85
C GLU A 433 30.44 3.00 26.57
N GLU A 434 30.32 4.02 25.73
CA GLU A 434 29.02 4.46 25.23
C GLU A 434 28.36 3.31 24.41
N LEU A 435 29.15 2.64 23.55
CA LEU A 435 28.67 1.60 22.62
C LEU A 435 28.37 0.23 23.19
N SER A 436 29.04 -0.12 24.29
CA SER A 436 28.86 -1.40 24.97
C SER A 436 27.39 -1.66 25.34
N SER A 437 26.74 -0.62 25.84
CA SER A 437 25.31 -0.67 26.22
C SER A 437 24.34 -0.31 25.08
N VAL A 438 24.81 -0.27 23.82
CA VAL A 438 23.95 0.06 22.67
C VAL A 438 23.38 -1.21 21.99
N THR A 439 22.12 -1.48 22.30
CA THR A 439 21.37 -2.58 21.71
C THR A 439 20.69 -2.10 20.43
N LEU A 440 21.05 -2.71 19.30
CA LEU A 440 20.54 -2.28 17.98
C LEU A 440 19.30 -3.07 17.59
N SER A 441 18.38 -2.38 16.91
CA SER A 441 17.17 -3.00 16.36
C SER A 441 17.17 -3.05 14.81
N ALA A 442 18.07 -2.33 14.16
CA ALA A 442 18.07 -2.21 12.69
C ALA A 442 19.46 -1.85 12.19
N VAL A 443 19.91 -2.49 11.12
CA VAL A 443 21.21 -2.18 10.54
C VAL A 443 21.12 -2.17 9.02
N VAL A 444 21.85 -1.26 8.38
CA VAL A 444 21.94 -1.22 6.91
C VAL A 444 23.40 -1.05 6.50
N SER A 445 23.94 -2.00 5.74
CA SER A 445 25.25 -1.82 5.12
C SER A 445 25.06 -1.35 3.71
N THR A 446 25.62 -0.20 3.37
CA THR A 446 25.57 0.34 1.99
C THR A 446 26.91 0.24 1.26
N ILE A 447 27.90 -0.40 1.87
CA ILE A 447 29.24 -0.43 1.28
C ILE A 447 29.35 -1.62 0.32
N PRO A 448 30.42 -1.67 -0.50
CA PRO A 448 30.63 -2.81 -1.42
C PRO A 448 30.88 -4.12 -0.68
N ALA A 449 30.43 -5.24 -1.25
CA ALA A 449 30.53 -6.57 -0.61
C ALA A 449 31.67 -7.44 -1.13
N ASP A 450 32.17 -7.11 -2.32
CA ASP A 450 33.29 -7.85 -2.93
C ASP A 450 34.70 -7.43 -2.42
N ILE A 451 34.75 -6.59 -1.37
CA ILE A 451 36.00 -6.13 -0.77
C ILE A 451 35.94 -6.38 0.73
N GLU A 452 36.91 -7.09 1.28
CA GLU A 452 36.93 -7.32 2.71
C GLU A 452 37.41 -6.04 3.39
N LEU A 453 36.86 -5.75 4.56
CA LEU A 453 37.10 -4.47 5.23
C LEU A 453 38.43 -4.51 5.97
N PRO A 454 38.96 -3.34 6.36
CA PRO A 454 40.04 -3.34 7.33
C PRO A 454 39.55 -3.79 8.71
N GLU A 455 40.38 -4.55 9.42
CA GLU A 455 39.94 -5.23 10.64
C GLU A 455 39.76 -4.29 11.82
N LYS A 456 40.04 -3.01 11.65
CA LYS A 456 39.66 -2.03 12.64
C LYS A 456 38.21 -1.53 12.47
N VAL A 457 37.63 -1.65 11.28
CA VAL A 457 36.19 -1.35 11.08
C VAL A 457 35.37 -2.60 11.32
N ALA A 458 35.83 -3.72 10.79
CA ALA A 458 35.17 -5.02 10.98
C ALA A 458 34.97 -5.36 12.46
N SER A 459 36.04 -5.12 13.22
CA SER A 459 36.06 -5.27 14.67
C SER A 459 34.89 -4.59 15.37
N VAL A 460 34.59 -3.36 14.95
CA VAL A 460 33.50 -2.55 15.52
C VAL A 460 32.13 -3.11 15.13
N ILE A 461 32.02 -3.50 13.86
CA ILE A 461 30.79 -4.08 13.32
C ILE A 461 30.46 -5.37 14.06
N LYS A 462 31.45 -6.27 14.14
CA LYS A 462 31.35 -7.49 14.94
C LYS A 462 30.83 -7.23 16.36
N ALA A 463 31.42 -6.24 17.02
CA ALA A 463 31.07 -5.92 18.40
C ALA A 463 29.64 -5.42 18.56
N LEU A 464 29.23 -4.46 17.73
CA LEU A 464 27.88 -3.87 17.76
C LEU A 464 26.78 -4.86 17.44
N LEU A 465 27.01 -5.69 16.42
CA LEU A 465 26.04 -6.71 16.02
C LEU A 465 25.74 -7.75 17.12
N ALA A 466 26.71 -7.98 18.02
CA ALA A 466 26.51 -8.83 19.20
C ALA A 466 25.35 -8.32 20.04
N ASN A 467 25.29 -7.01 20.21
CA ASN A 467 24.28 -6.42 21.07
C ASN A 467 23.02 -6.15 20.26
N LYS A 468 22.02 -7.04 20.43
CA LYS A 468 20.95 -7.21 19.47
C LYS A 468 19.56 -7.34 20.12
N ALA A 469 18.61 -6.54 19.67
CA ALA A 469 17.24 -6.58 20.20
C ALA A 469 16.47 -7.73 19.57
N ASP A 470 15.51 -8.26 20.30
CA ASP A 470 14.66 -9.30 19.74
C ASP A 470 14.03 -8.78 18.45
N GLY A 471 14.03 -9.65 17.44
CA GLY A 471 13.45 -9.38 16.14
C GLY A 471 14.20 -8.34 15.33
N GLY A 472 15.47 -8.11 15.65
CA GLY A 472 16.26 -7.07 15.00
C GLY A 472 16.60 -7.47 13.58
N VAL A 473 16.62 -6.50 12.66
CA VAL A 473 16.78 -6.78 11.22
C VAL A 473 18.05 -6.14 10.67
N PHE A 474 18.79 -6.92 9.88
CA PHE A 474 19.98 -6.48 9.17
C PHE A 474 19.69 -6.48 7.69
N LEU A 475 20.03 -5.40 7.00
CA LEU A 475 19.87 -5.31 5.55
C LEU A 475 21.17 -4.96 4.87
N ASP A 476 21.58 -5.73 3.87
CA ASP A 476 22.73 -5.38 3.06
C ASP A 476 22.21 -4.96 1.71
N MET A 477 22.62 -3.78 1.24
CA MET A 477 22.18 -3.26 -0.05
C MET A 477 22.90 -3.82 -1.27
N ALA A 478 23.97 -4.57 -1.07
CA ALA A 478 24.64 -5.24 -2.19
C ALA A 478 24.04 -6.64 -2.49
N TYR A 479 24.06 -6.98 -3.77
CA TYR A 479 23.54 -8.27 -4.27
C TYR A 479 24.62 -8.98 -5.11
N LYS A 480 25.87 -8.79 -4.74
CA LYS A 480 27.00 -9.23 -5.54
C LYS A 480 28.24 -9.43 -4.65
N PRO A 481 28.41 -10.64 -4.06
CA PRO A 481 27.54 -11.83 -4.11
C PRO A 481 26.14 -11.66 -3.51
N LEU A 482 25.27 -12.65 -3.72
CA LEU A 482 23.91 -12.67 -3.17
C LEU A 482 23.95 -12.75 -1.63
N HIS A 483 24.64 -13.79 -1.12
CA HIS A 483 25.00 -13.88 0.32
C HIS A 483 26.36 -13.18 0.54
N THR A 484 26.36 -12.08 1.30
CA THR A 484 27.56 -11.24 1.46
C THR A 484 28.38 -11.63 2.68
N PRO A 485 29.64 -11.19 2.74
CA PRO A 485 30.47 -11.30 3.94
C PRO A 485 29.76 -10.86 5.24
N LEU A 486 29.25 -9.63 5.27
CA LEU A 486 28.64 -9.07 6.48
C LEU A 486 27.36 -9.78 6.90
N MET A 487 26.57 -10.19 5.92
CA MET A 487 25.36 -10.96 6.18
C MET A 487 25.68 -12.21 7.01
N ALA A 488 26.76 -12.90 6.67
CA ALA A 488 27.19 -14.09 7.42
C ALA A 488 27.49 -13.76 8.88
N VAL A 489 28.27 -12.70 9.10
CA VAL A 489 28.63 -12.23 10.45
C VAL A 489 27.35 -12.00 11.24
N ALA A 490 26.42 -11.31 10.59
CA ALA A 490 25.16 -10.91 11.19
C ALA A 490 24.30 -12.12 11.49
N SER A 491 24.21 -13.02 10.52
CA SER A 491 23.36 -14.22 10.63
C SER A 491 23.80 -15.13 11.79
N ASP A 492 25.11 -15.37 11.90
CA ASP A 492 25.71 -16.07 13.05
C ASP A 492 25.37 -15.43 14.39
N LEU A 493 25.24 -14.11 14.40
CA LEU A 493 24.77 -13.38 15.59
C LEU A 493 23.23 -13.28 15.67
N GLU A 494 22.55 -14.08 14.86
CA GLU A 494 21.12 -14.38 14.99
C GLU A 494 20.22 -13.25 14.50
N TRP A 495 20.72 -12.44 13.58
CA TRP A 495 19.93 -11.37 13.01
C TRP A 495 19.00 -11.96 11.97
N LYS A 496 17.82 -11.35 11.84
CA LYS A 496 16.89 -11.58 10.73
C LYS A 496 17.50 -10.80 9.56
N CYS A 497 17.89 -11.47 8.48
CA CYS A 497 18.66 -10.84 7.40
C CYS A 497 17.90 -10.69 6.11
N CYS A 498 18.15 -9.56 5.42
CA CYS A 498 17.59 -9.27 4.11
C CYS A 498 18.70 -8.85 3.17
N ASN A 499 18.50 -9.13 1.89
CA ASN A 499 19.52 -8.84 0.87
C ASN A 499 19.10 -7.73 -0.07
N GLY A 500 20.05 -7.25 -0.85
CA GLY A 500 19.86 -6.10 -1.73
C GLY A 500 18.95 -6.36 -2.91
N LEU A 501 18.81 -7.63 -3.26
CA LEU A 501 17.87 -8.00 -4.31
C LEU A 501 16.43 -7.77 -3.84
N GLU A 502 16.14 -8.13 -2.59
CA GLU A 502 14.84 -7.80 -2.03
C GLU A 502 14.55 -6.31 -2.13
N ALA A 503 15.50 -5.47 -1.71
CA ALA A 503 15.31 -4.04 -1.79
C ALA A 503 15.10 -3.54 -3.20
N LEU A 504 15.91 -4.03 -4.14
CA LEU A 504 15.75 -3.70 -5.57
C LEU A 504 14.35 -4.03 -6.07
N VAL A 505 13.84 -5.19 -5.67
CA VAL A 505 12.51 -5.60 -6.07
C VAL A 505 11.44 -4.68 -5.51
N ARG A 506 11.58 -4.29 -4.26
CA ARG A 506 10.61 -3.38 -3.64
C ARG A 506 10.68 -1.94 -4.17
N GLN A 507 11.82 -1.49 -4.70
CA GLN A 507 11.93 -0.19 -5.41
C GLN A 507 11.06 -0.17 -6.63
N GLY A 508 11.22 -1.21 -7.44
CA GLY A 508 10.39 -1.43 -8.61
C GLY A 508 8.92 -1.49 -8.28
N LEU A 509 8.55 -2.20 -7.21
CA LEU A 509 7.14 -2.33 -6.82
C LEU A 509 6.53 -0.99 -6.40
N ALA A 510 7.29 -0.20 -5.66
CA ALA A 510 6.89 1.17 -5.35
C ALA A 510 6.66 2.02 -6.61
N SER A 511 7.54 1.88 -7.59
CA SER A 511 7.39 2.61 -8.85
C SER A 511 6.11 2.17 -9.54
N PHE A 512 5.90 0.86 -9.56
CA PHE A 512 4.68 0.26 -10.12
C PHE A 512 3.40 0.78 -9.46
N HIS A 513 3.43 0.90 -8.14
CA HIS A 513 2.30 1.46 -7.39
C HIS A 513 2.08 2.93 -7.75
N LEU A 514 3.16 3.71 -7.82
CA LEU A 514 3.01 5.12 -8.21
C LEU A 514 2.43 5.27 -9.61
N TRP A 515 2.72 4.33 -10.50
CA TRP A 515 2.18 4.38 -11.87
C TRP A 515 0.75 3.89 -12.03
N THR A 516 0.45 2.70 -11.52
CA THR A 516 -0.83 2.02 -11.78
C THR A 516 -1.89 2.26 -10.70
N GLY A 517 -1.49 2.85 -9.58
CA GLY A 517 -2.39 3.02 -8.43
C GLY A 517 -2.59 1.76 -7.58
N MET A 518 -1.82 0.69 -7.87
CA MET A 518 -2.05 -0.64 -7.28
C MET A 518 -0.76 -1.27 -6.81
N THR A 519 -0.81 -1.95 -5.67
CA THR A 519 0.33 -2.74 -5.22
C THR A 519 0.35 -4.04 -5.97
N ALA A 520 1.49 -4.73 -5.91
CA ALA A 520 1.66 -6.05 -6.50
C ALA A 520 2.35 -6.95 -5.46
N PRO A 521 2.12 -8.28 -5.50
CA PRO A 521 2.65 -9.16 -4.44
C PRO A 521 4.16 -9.39 -4.56
N PHE A 522 4.88 -9.21 -3.45
CA PHE A 522 6.33 -9.30 -3.48
C PHE A 522 6.81 -10.70 -3.85
N ASP A 523 6.28 -11.72 -3.19
CA ASP A 523 6.78 -13.09 -3.31
C ASP A 523 6.88 -13.64 -4.73
N ALA A 524 5.77 -13.62 -5.48
CA ALA A 524 5.74 -14.16 -6.85
C ALA A 524 6.53 -13.31 -7.83
N VAL A 525 6.62 -12.01 -7.59
CA VAL A 525 7.40 -11.14 -8.43
C VAL A 525 8.89 -11.37 -8.20
N TYR A 526 9.25 -11.58 -6.94
CA TYR A 526 10.62 -11.92 -6.56
C TYR A 526 11.04 -13.28 -7.14
N GLN A 527 10.16 -14.28 -7.11
CA GLN A 527 10.49 -15.62 -7.64
C GLN A 527 10.88 -15.65 -9.12
N LYS A 528 10.30 -14.75 -9.91
CA LYS A 528 10.60 -14.62 -11.35
C LYS A 528 11.81 -13.73 -11.63
N VAL A 529 12.06 -12.73 -10.79
CA VAL A 529 13.29 -11.96 -10.88
C VAL A 529 14.51 -12.87 -10.61
N ILE A 530 14.47 -13.70 -9.57
CA ILE A 530 15.66 -14.52 -9.23
C ILE A 530 15.94 -15.68 -10.21
N GLU A 531 14.89 -16.23 -10.82
CA GLU A 531 14.99 -17.32 -11.83
C GLU A 531 16.20 -17.27 -12.77
C1 PGE B . -28.80 -12.70 -2.20
O1 PGE B . -28.50 -13.55 -3.30
C2 PGE B . -27.53 -11.97 -1.76
O2 PGE B . -26.52 -12.91 -1.41
C3 PGE B . -25.40 -12.35 -0.74
C4 PGE B . -24.45 -13.47 -0.31
O4 PGE B . -22.77 -15.47 -3.67
C6 PGE B . -22.57 -15.94 -2.33
C5 PGE B . -22.72 -14.78 -1.35
O3 PGE B . -24.01 -14.19 -1.46
C1 PGE C . 11.22 22.05 -11.48
O1 PGE C . 10.46 22.27 -10.28
C2 PGE C . 11.71 20.60 -11.51
O2 PGE C . 13.13 20.53 -11.64
C3 PGE C . 13.66 20.89 -12.93
C4 PGE C . 14.64 22.05 -12.80
O4 PGE C . 14.37 23.50 -17.31
C6 PGE C . 15.19 23.53 -16.13
C5 PGE C . 14.51 22.64 -15.10
O3 PGE C . 15.36 22.27 -14.02
#